data_3UOT
#
_entry.id   3UOT
#
_cell.length_a   58.485
_cell.length_b   59.880
_cell.length_c   72.081
_cell.angle_alpha   90.00
_cell.angle_beta   90.00
_cell.angle_gamma   90.00
#
_symmetry.space_group_name_H-M   'P 21 21 21'
#
loop_
_entity.id
_entity.type
_entity.pdbx_description
1 polymer 'Mediator of DNA damage checkpoint protein 1'
2 polymer 'Mediator of DNA damage checkpoint protein 1'
3 water water
#
loop_
_entity_poly.entity_id
_entity_poly.type
_entity_poly.pdbx_seq_one_letter_code
_entity_poly.pdbx_strand_id
1 'polypeptide(L)'
;GSQSSESLRCNVEPVGRLHIFSGAHGPEKDFPLHLGKNVVGR(MSE)PDCSVALPFPSISKQHAEIEILAWDKAPILRDC
GSLNGTQILRPPKVLSPGVSHRLRDQELILFADLLCQYHRLDVSLP
;
A,B
2 'polypeptide(L)' MED(TPO)Q(MSE)IDWD D,E
#
# COMPACT_ATOMS: atom_id res chain seq x y z
N GLN A 3 -3.10 12.60 -41.56
CA GLN A 3 -3.42 11.23 -42.06
C GLN A 3 -3.19 10.18 -40.98
N SER A 4 -2.49 10.55 -39.91
CA SER A 4 -2.25 9.63 -38.79
C SER A 4 -3.58 9.19 -38.16
N SER A 5 -3.58 7.99 -37.59
CA SER A 5 -4.78 7.40 -36.99
C SER A 5 -5.28 8.25 -35.82
N GLU A 6 -4.34 8.81 -35.06
CA GLU A 6 -4.67 9.59 -33.88
C GLU A 6 -5.15 11.00 -34.21
N SER A 7 -4.78 11.51 -35.38
CA SER A 7 -5.25 12.83 -35.82
C SER A 7 -6.73 12.82 -36.24
N LEU A 8 -7.29 11.63 -36.47
CA LEU A 8 -8.72 11.50 -36.81
C LEU A 8 -9.55 11.53 -35.52
N ARG A 9 -8.95 11.08 -34.44
CA ARG A 9 -9.69 10.78 -33.22
C ARG A 9 -9.75 11.90 -32.20
N CYS A 10 -10.71 11.73 -31.29
CA CYS A 10 -10.83 12.58 -30.17
C CYS A 10 -10.01 11.88 -29.08
N ASN A 11 -8.84 12.43 -28.79
CA ASN A 11 -7.97 11.81 -27.81
C ASN A 11 -8.28 12.37 -26.43
N VAL A 12 -8.85 11.53 -25.59
CA VAL A 12 -9.45 11.95 -24.34
C VAL A 12 -8.37 12.03 -23.28
N GLU A 13 -8.37 13.13 -22.54
CA GLU A 13 -7.31 13.34 -21.56
C GLU A 13 -7.45 12.32 -20.43
N PRO A 14 -6.36 12.09 -19.68
CA PRO A 14 -6.37 11.20 -18.52
C PRO A 14 -7.35 11.68 -17.45
N VAL A 15 -8.01 10.74 -16.79
CA VAL A 15 -8.97 11.06 -15.73
C VAL A 15 -8.45 10.69 -14.35
N GLY A 16 -7.27 10.10 -14.28
CA GLY A 16 -6.75 9.68 -12.96
C GLY A 16 -5.31 9.26 -13.12
N ARG A 17 -4.67 8.88 -12.02
CA ARG A 17 -3.27 8.53 -12.07
C ARG A 17 -3.07 7.38 -11.09
N LEU A 18 -2.22 6.44 -11.48
CA LEU A 18 -1.82 5.38 -10.58
C LEU A 18 -0.34 5.57 -10.31
N HIS A 19 0.01 5.72 -9.04
CA HIS A 19 1.40 5.88 -8.64
C HIS A 19 1.93 4.55 -8.18
N ILE A 20 3.14 4.19 -8.60
CA ILE A 20 3.76 2.95 -8.16
C ILE A 20 4.95 3.35 -7.29
N PHE A 21 5.03 2.78 -6.11
CA PHE A 21 6.12 3.12 -5.23
C PHE A 21 7.39 2.37 -5.60
N SER A 22 8.52 2.99 -5.27
CA SER A 22 9.85 2.38 -5.44
C SER A 22 9.93 1.05 -4.70
N GLY A 23 10.71 0.10 -5.21
CA GLY A 23 10.85 -1.19 -4.54
C GLY A 23 11.85 -2.06 -5.30
N ALA A 24 11.86 -3.36 -5.01
CA ALA A 24 12.83 -4.27 -5.65
C ALA A 24 12.71 -4.25 -7.18
N HIS A 25 11.53 -3.88 -7.69
CA HIS A 25 11.32 -3.88 -9.14
C HIS A 25 11.79 -2.64 -9.82
N GLY A 26 12.06 -1.58 -9.05
CA GLY A 26 12.59 -0.34 -9.64
C GLY A 26 12.01 0.89 -8.99
N PRO A 27 12.32 2.07 -9.55
CA PRO A 27 11.98 3.36 -8.99
C PRO A 27 10.47 3.65 -9.10
N GLU A 28 10.05 4.72 -8.43
CA GLU A 28 8.65 5.17 -8.53
C GLU A 28 8.28 5.57 -9.97
N LYS A 29 6.98 5.51 -10.28
CA LYS A 29 6.49 5.81 -11.62
C LYS A 29 5.04 6.17 -11.52
N ASP A 30 4.59 7.09 -12.37
CA ASP A 30 3.17 7.42 -12.48
C ASP A 30 2.60 6.96 -13.80
N PHE A 31 1.39 6.40 -13.78
CA PHE A 31 0.69 5.97 -14.97
C PHE A 31 -0.60 6.74 -15.09
N PRO A 32 -0.80 7.38 -16.23
CA PRO A 32 -2.11 8.00 -16.53
C PRO A 32 -3.20 6.94 -16.65
N LEU A 33 -4.37 7.21 -16.11
CA LEU A 33 -5.52 6.32 -16.28
C LEU A 33 -6.58 7.05 -17.12
N HIS A 34 -7.20 6.31 -18.02
CA HIS A 34 -8.21 6.87 -18.93
CA HIS A 34 -8.20 6.86 -18.95
C HIS A 34 -9.59 6.33 -18.68
N LEU A 35 -10.61 7.03 -19.21
CA LEU A 35 -11.97 6.49 -19.20
C LEU A 35 -11.99 5.13 -19.88
N GLY A 36 -12.75 4.19 -19.32
CA GLY A 36 -12.82 2.85 -19.91
C GLY A 36 -11.96 1.85 -19.15
N LYS A 37 -11.47 0.83 -19.85
CA LYS A 37 -10.78 -0.27 -19.19
C LYS A 37 -9.27 -0.09 -19.18
N ASN A 38 -8.71 0.13 -17.99
CA ASN A 38 -7.27 0.22 -17.81
C ASN A 38 -6.76 -1.12 -17.30
N VAL A 39 -6.20 -1.91 -18.21
CA VAL A 39 -5.65 -3.21 -17.88
C VAL A 39 -4.31 -3.03 -17.23
N VAL A 40 -4.13 -3.71 -16.10
CA VAL A 40 -2.86 -3.74 -15.35
C VAL A 40 -2.29 -5.12 -15.65
N GLY A 41 -1.05 -5.18 -16.12
CA GLY A 41 -0.48 -6.48 -16.52
C GLY A 41 0.90 -6.40 -17.09
N ARG A 42 1.49 -7.57 -17.34
CA ARG A 42 2.85 -7.66 -17.81
C ARG A 42 2.96 -7.40 -19.31
N MSE A 43 1.88 -7.64 -20.03
CA MSE A 43 1.88 -7.52 -21.51
C MSE A 43 2.14 -6.09 -21.92
O MSE A 43 1.66 -5.15 -21.28
CB MSE A 43 0.57 -8.05 -22.08
CG MSE A 43 0.40 -9.55 -21.85
SE MSE A 43 1.67 -10.62 -22.92
CE MSE A 43 3.24 -10.74 -21.70
N PRO A 44 2.91 -5.91 -23.01
CA PRO A 44 3.36 -4.58 -23.44
C PRO A 44 2.23 -3.62 -23.79
N ASP A 45 1.09 -4.18 -24.19
CA ASP A 45 -0.09 -3.45 -24.64
C ASP A 45 -0.98 -2.92 -23.51
N CYS A 46 -0.69 -3.33 -22.26
CA CYS A 46 -1.50 -2.93 -21.10
C CYS A 46 -1.39 -1.42 -20.86
N SER A 47 -2.50 -0.83 -20.43
CA SER A 47 -2.54 0.58 -20.00
C SER A 47 -1.54 0.83 -18.87
N VAL A 48 -1.49 -0.09 -17.92
CA VAL A 48 -0.50 -0.03 -16.83
C VAL A 48 0.38 -1.26 -16.99
N ALA A 49 1.46 -1.11 -17.75
CA ALA A 49 2.31 -2.23 -18.11
C ALA A 49 3.40 -2.34 -17.08
N LEU A 50 3.39 -3.45 -16.35
CA LEU A 50 4.37 -3.69 -15.29
C LEU A 50 5.06 -5.00 -15.66
N PRO A 51 6.17 -4.90 -16.39
CA PRO A 51 6.75 -6.09 -16.99
C PRO A 51 7.61 -6.91 -16.01
N PHE A 52 7.14 -7.09 -14.78
CA PHE A 52 7.87 -7.87 -13.78
C PHE A 52 7.35 -9.30 -13.73
N PRO A 53 8.26 -10.30 -13.65
CA PRO A 53 7.81 -11.68 -13.82
C PRO A 53 6.70 -12.10 -12.84
N SER A 54 6.57 -11.40 -11.71
CA SER A 54 5.52 -11.76 -10.74
C SER A 54 4.14 -11.12 -11.07
N ILE A 55 4.10 -10.25 -12.06
CA ILE A 55 2.84 -9.65 -12.46
C ILE A 55 2.25 -10.51 -13.56
N SER A 56 0.97 -10.86 -13.43
CA SER A 56 0.28 -11.65 -14.46
C SER A 56 0.19 -10.90 -15.79
N LYS A 57 0.23 -11.65 -16.88
CA LYS A 57 0.11 -11.08 -18.24
C LYS A 57 -1.08 -10.15 -18.35
N GLN A 58 -2.20 -10.61 -17.82
CA GLN A 58 -3.38 -9.78 -17.58
C GLN A 58 -3.69 -9.94 -16.09
N HIS A 59 -3.32 -8.92 -15.30
CA HIS A 59 -3.36 -9.04 -13.86
C HIS A 59 -4.65 -8.56 -13.24
N ALA A 60 -5.06 -7.35 -13.62
CA ALA A 60 -6.18 -6.66 -13.00
C ALA A 60 -6.71 -5.61 -13.97
N GLU A 61 -7.86 -5.04 -13.64
CA GLU A 61 -8.44 -4.04 -14.52
C GLU A 61 -9.02 -2.93 -13.67
N ILE A 62 -8.73 -1.71 -14.06
CA ILE A 62 -9.31 -0.53 -13.42
C ILE A 62 -10.23 0.10 -14.48
N GLU A 63 -11.54 -0.04 -14.28
CA GLU A 63 -12.51 0.54 -15.22
C GLU A 63 -13.05 1.86 -14.73
N ILE A 64 -12.90 2.89 -15.56
CA ILE A 64 -13.38 4.22 -15.19
C ILE A 64 -14.52 4.61 -16.13
N LEU A 65 -15.74 4.48 -15.62
CA LEU A 65 -16.95 4.73 -16.40
C LEU A 65 -17.23 6.22 -16.60
N ALA A 66 -16.84 7.04 -15.63
CA ALA A 66 -17.11 8.48 -15.68
C ALA A 66 -16.13 9.19 -14.75
N TRP A 67 -15.85 10.48 -14.99
CA TRP A 67 -14.92 11.18 -14.08
C TRP A 67 -15.57 11.62 -12.80
N ASP A 68 -16.89 11.39 -12.69
CA ASP A 68 -17.62 11.59 -11.44
C ASP A 68 -18.10 10.29 -10.78
N LYS A 69 -17.58 9.14 -11.23
CA LYS A 69 -17.86 7.84 -10.59
C LYS A 69 -16.55 7.14 -10.19
N ALA A 70 -16.58 6.43 -9.07
CA ALA A 70 -15.37 5.76 -8.56
C ALA A 70 -14.90 4.70 -9.57
N PRO A 71 -13.57 4.65 -9.84
CA PRO A 71 -13.04 3.57 -10.68
C PRO A 71 -13.40 2.22 -10.09
N ILE A 72 -13.55 1.23 -10.97
CA ILE A 72 -13.89 -0.09 -10.54
C ILE A 72 -12.67 -0.95 -10.77
N LEU A 73 -12.18 -1.51 -9.68
CA LEU A 73 -11.02 -2.39 -9.74
C LEU A 73 -11.48 -3.83 -9.70
N ARG A 74 -10.92 -4.66 -10.57
CA ARG A 74 -11.10 -6.08 -10.37
C ARG A 74 -9.85 -6.87 -10.75
N ASP A 75 -9.65 -7.98 -10.08
CA ASP A 75 -8.53 -8.89 -10.40
C ASP A 75 -8.97 -9.84 -11.52
N CYS A 76 -8.08 -10.13 -12.45
CA CYS A 76 -8.40 -11.04 -13.57
C CYS A 76 -7.97 -12.48 -13.36
N GLY A 77 -7.96 -12.92 -12.11
CA GLY A 77 -7.47 -14.26 -11.78
C GLY A 77 -5.97 -14.31 -11.92
N SER A 78 -5.31 -13.25 -11.45
CA SER A 78 -3.85 -13.18 -11.45
C SER A 78 -3.24 -14.28 -10.59
N LEU A 79 -2.02 -14.68 -10.93
CA LEU A 79 -1.31 -15.69 -10.16
C LEU A 79 -1.07 -15.27 -8.72
N ASN A 80 -0.52 -14.07 -8.52
CA ASN A 80 -0.08 -13.64 -7.19
C ASN A 80 -1.04 -12.69 -6.49
N GLY A 81 -2.17 -12.42 -7.13
CA GLY A 81 -3.28 -11.72 -6.49
C GLY A 81 -3.24 -10.21 -6.54
N THR A 82 -4.38 -9.64 -6.16
CA THR A 82 -4.52 -8.21 -6.00
C THR A 82 -5.05 -8.02 -4.59
N GLN A 83 -4.40 -7.15 -3.82
CA GLN A 83 -4.73 -6.97 -2.42
C GLN A 83 -5.32 -5.58 -2.26
N ILE A 84 -6.48 -5.46 -1.61
CA ILE A 84 -6.95 -4.13 -1.20
C ILE A 84 -6.77 -3.94 0.30
N LEU A 85 -6.90 -2.71 0.77
CA LEU A 85 -6.78 -2.42 2.21
C LEU A 85 -8.04 -1.74 2.80
N ARG A 86 -9.11 -1.67 2.02
CA ARG A 86 -10.35 -1.04 2.48
C ARG A 86 -11.54 -1.98 2.27
N PRO A 87 -11.70 -2.99 3.14
CA PRO A 87 -10.83 -3.42 4.25
C PRO A 87 -9.74 -4.35 3.70
N PRO A 88 -8.70 -4.67 4.48
CA PRO A 88 -7.63 -5.50 3.91
C PRO A 88 -8.11 -6.91 3.59
N LYS A 89 -7.72 -7.39 2.42
CA LYS A 89 -8.15 -8.69 1.92
C LYS A 89 -7.69 -8.85 0.48
N VAL A 90 -7.58 -10.11 0.06
CA VAL A 90 -7.23 -10.44 -1.31
C VAL A 90 -8.51 -10.37 -2.12
N LEU A 91 -8.50 -9.60 -3.19
CA LEU A 91 -9.67 -9.42 -4.04
C LEU A 91 -9.90 -10.64 -4.94
N SER A 92 -11.02 -11.35 -4.74
CA SER A 92 -11.33 -12.54 -5.54
C SER A 92 -11.68 -12.11 -6.95
N PRO A 93 -11.24 -12.89 -7.96
CA PRO A 93 -11.56 -12.60 -9.36
C PRO A 93 -13.03 -12.28 -9.59
N GLY A 94 -13.28 -11.26 -10.41
CA GLY A 94 -14.64 -10.86 -10.77
C GLY A 94 -15.28 -9.85 -9.82
N VAL A 95 -15.01 -10.01 -8.52
CA VAL A 95 -15.56 -9.14 -7.48
C VAL A 95 -15.07 -7.71 -7.65
N SER A 96 -16.00 -6.78 -7.86
CA SER A 96 -15.63 -5.38 -8.07
C SER A 96 -15.28 -4.72 -6.75
N HIS A 97 -14.33 -3.79 -6.83
CA HIS A 97 -14.00 -2.91 -5.72
C HIS A 97 -13.91 -1.48 -6.21
N ARG A 98 -14.73 -0.59 -5.62
CA ARG A 98 -14.68 0.84 -6.02
C ARG A 98 -13.51 1.52 -5.31
N LEU A 99 -12.75 2.31 -6.05
CA LEU A 99 -11.54 2.95 -5.55
C LEU A 99 -11.87 4.37 -5.12
N ARG A 100 -11.46 4.70 -3.92
CA ARG A 100 -11.44 6.07 -3.47
C ARG A 100 -10.15 6.77 -3.85
N ASP A 101 -10.20 8.09 -3.97
CA ASP A 101 -8.93 8.87 -4.10
C ASP A 101 -7.97 8.43 -2.99
N GLN A 102 -6.68 8.32 -3.34
CA GLN A 102 -5.59 7.97 -2.36
C GLN A 102 -5.60 6.52 -1.84
N GLU A 103 -6.47 5.71 -2.42
CA GLU A 103 -6.58 4.31 -2.01
C GLU A 103 -5.30 3.57 -2.44
N LEU A 104 -4.80 2.74 -1.54
CA LEU A 104 -3.61 1.92 -1.77
C LEU A 104 -4.01 0.47 -2.15
N ILE A 105 -3.33 -0.07 -3.15
CA ILE A 105 -3.57 -1.43 -3.63
C ILE A 105 -2.23 -2.14 -3.93
N LEU A 106 -2.21 -3.45 -3.77
CA LEU A 106 -1.05 -4.23 -4.19
C LEU A 106 -1.39 -5.12 -5.35
N PHE A 107 -0.56 -5.07 -6.38
CA PHE A 107 -0.59 -6.09 -7.41
C PHE A 107 0.64 -6.97 -7.17
N ALA A 108 0.43 -8.24 -6.86
CA ALA A 108 1.54 -9.13 -6.43
C ALA A 108 2.25 -8.39 -5.31
N ASP A 109 3.53 -8.07 -5.45
CA ASP A 109 4.23 -7.33 -4.37
C ASP A 109 4.50 -5.87 -4.75
N LEU A 110 3.73 -5.34 -5.69
CA LEU A 110 3.95 -3.96 -6.11
C LEU A 110 2.89 -3.12 -5.43
N LEU A 111 3.31 -2.11 -4.66
CA LEU A 111 2.35 -1.25 -3.98
C LEU A 111 2.05 -0.02 -4.85
N CYS A 112 0.77 0.32 -4.97
CA CYS A 112 0.32 1.40 -5.87
C CYS A 112 -0.65 2.29 -5.11
N GLN A 113 -0.82 3.52 -5.58
CA GLN A 113 -1.81 4.40 -4.96
C GLN A 113 -2.57 5.13 -6.06
N TYR A 114 -3.90 5.08 -5.97
CA TYR A 114 -4.75 5.73 -7.00
C TYR A 114 -5.00 7.21 -6.63
N HIS A 115 -4.98 8.10 -7.62
CA HIS A 115 -5.25 9.55 -7.41
C HIS A 115 -6.25 10.08 -8.41
N ARG A 116 -7.21 10.85 -7.91
CA ARG A 116 -7.97 11.75 -8.78
C ARG A 116 -7.11 12.91 -9.25
N LEU A 117 -7.58 13.66 -10.25
CA LEU A 117 -6.80 14.78 -10.74
C LEU A 117 -7.32 16.13 -10.24
N ASP A 118 -8.32 16.10 -9.38
CA ASP A 118 -8.94 17.35 -8.91
C ASP A 118 -8.76 17.53 -7.40
N VAL A 119 -7.64 17.04 -6.91
CA VAL A 119 -7.30 17.09 -5.49
C VAL A 119 -6.05 17.94 -5.32
N VAL B 12 18.68 11.21 18.21
CA VAL B 12 19.82 10.29 17.91
C VAL B 12 19.90 9.87 16.44
N GLU B 13 20.95 9.12 16.11
CA GLU B 13 21.18 8.54 14.79
C GLU B 13 20.00 7.65 14.35
N PRO B 14 19.50 7.84 13.10
CA PRO B 14 18.40 6.99 12.59
C PRO B 14 18.96 5.64 12.10
N VAL B 15 18.25 4.57 12.41
CA VAL B 15 18.74 3.22 12.14
C VAL B 15 17.85 2.52 11.10
N GLY B 16 16.63 2.98 11.01
CA GLY B 16 15.66 2.57 10.01
C GLY B 16 14.65 3.71 9.92
N ARG B 17 13.62 3.53 9.11
CA ARG B 17 12.68 4.60 8.89
C ARG B 17 11.32 3.91 8.78
N LEU B 18 10.29 4.54 9.34
CA LEU B 18 8.93 4.09 9.08
C LEU B 18 8.26 5.16 8.20
N HIS B 19 7.77 4.77 7.03
CA HIS B 19 7.06 5.71 6.16
C HIS B 19 5.57 5.49 6.32
N ILE B 20 4.79 6.55 6.44
CA ILE B 20 3.36 6.36 6.42
C ILE B 20 2.80 7.00 5.15
N PHE B 21 1.85 6.30 4.55
CA PHE B 21 1.32 6.74 3.26
C PHE B 21 0.20 7.74 3.53
N SER B 22 -0.12 8.56 2.51
CA SER B 22 -1.16 9.59 2.65
C SER B 22 -2.56 8.91 2.70
N GLY B 23 -3.54 9.59 3.28
CA GLY B 23 -4.90 9.02 3.31
C GLY B 23 -5.77 9.90 4.18
N ALA B 24 -6.78 9.29 4.80
CA ALA B 24 -7.74 10.07 5.62
C ALA B 24 -7.06 10.70 6.85
N HIS B 25 -5.97 10.10 7.32
CA HIS B 25 -5.23 10.67 8.46
C HIS B 25 -4.29 11.79 8.10
N GLY B 26 -4.08 12.04 6.81
CA GLY B 26 -3.26 13.16 6.38
C GLY B 26 -2.18 12.75 5.39
N PRO B 27 -1.25 13.67 5.08
CA PRO B 27 -0.19 13.45 4.07
C PRO B 27 0.86 12.44 4.52
N GLU B 28 1.64 11.99 3.56
CA GLU B 28 2.74 11.06 3.83
C GLU B 28 3.75 11.67 4.81
N LYS B 29 4.40 10.83 5.61
CA LYS B 29 5.39 11.35 6.58
C LYS B 29 6.42 10.24 6.80
N ASP B 30 7.67 10.61 7.05
CA ASP B 30 8.69 9.64 7.49
C ASP B 30 9.03 9.83 8.95
N PHE B 31 9.23 8.71 9.64
CA PHE B 31 9.62 8.73 11.02
C PHE B 31 10.94 7.99 11.14
N PRO B 32 11.98 8.65 11.69
CA PRO B 32 13.22 7.91 11.93
C PRO B 32 13.02 6.91 13.08
N LEU B 33 13.63 5.74 12.96
CA LEU B 33 13.64 4.81 14.08
C LEU B 33 15.06 4.81 14.69
N HIS B 34 15.17 4.60 16.00
CA HIS B 34 16.47 4.60 16.65
C HIS B 34 16.73 3.25 17.28
N LEU B 35 17.98 3.03 17.69
CA LEU B 35 18.30 1.84 18.47
C LEU B 35 17.42 1.74 19.71
N GLY B 36 16.96 0.54 20.03
CA GLY B 36 16.20 0.31 21.26
C GLY B 36 14.71 0.23 20.97
N LYS B 37 13.88 0.66 21.93
CA LYS B 37 12.45 0.53 21.79
C LYS B 37 11.86 1.75 21.13
N ASN B 38 11.12 1.55 20.05
CA ASN B 38 10.40 2.63 19.41
C ASN B 38 8.92 2.42 19.58
N VAL B 39 8.30 3.13 20.51
CA VAL B 39 6.88 2.95 20.72
C VAL B 39 6.11 3.71 19.65
N VAL B 40 5.08 3.06 19.09
CA VAL B 40 4.19 3.65 18.11
C VAL B 40 2.87 3.90 18.83
N GLY B 41 2.33 5.12 18.78
CA GLY B 41 1.07 5.37 19.49
C GLY B 41 0.63 6.80 19.34
N ARG B 42 -0.52 7.12 19.93
CA ARG B 42 -1.10 8.45 19.81
C ARG B 42 -0.48 9.48 20.76
N MSE B 43 0.09 9.01 21.88
CA MSE B 43 0.75 9.89 22.87
C MSE B 43 1.94 10.62 22.29
O MSE B 43 2.77 10.02 21.61
CB MSE B 43 1.21 9.10 24.08
CG MSE B 43 0.12 8.21 24.61
SE MSE B 43 -0.71 8.88 26.28
CE MSE B 43 -0.63 10.85 26.09
N PRO B 44 2.05 11.93 22.57
CA PRO B 44 3.09 12.75 21.95
C PRO B 44 4.51 12.33 22.32
N ASP B 45 4.67 11.55 23.39
CA ASP B 45 5.99 11.10 23.78
C ASP B 45 6.41 9.76 23.15
N CYS B 46 5.55 9.15 22.34
CA CYS B 46 5.94 7.98 21.56
C CYS B 46 7.00 8.36 20.55
N SER B 47 7.95 7.45 20.33
CA SER B 47 8.98 7.62 19.29
C SER B 47 8.34 7.84 17.93
N VAL B 48 7.26 7.11 17.66
CA VAL B 48 6.50 7.31 16.43
C VAL B 48 5.12 7.78 16.89
N ALA B 49 4.90 9.09 16.92
CA ALA B 49 3.69 9.67 17.50
C ALA B 49 2.68 9.88 16.37
N LEU B 50 1.58 9.14 16.43
CA LEU B 50 0.54 9.18 15.41
C LEU B 50 -0.74 9.70 16.05
N PRO B 51 -1.00 11.01 15.91
CA PRO B 51 -2.08 11.64 16.69
C PRO B 51 -3.46 11.43 16.06
N PHE B 52 -3.80 10.17 15.79
CA PHE B 52 -5.04 9.84 15.08
C PHE B 52 -5.93 9.04 16.05
N PRO B 53 -7.24 9.38 16.09
CA PRO B 53 -8.17 8.76 17.07
C PRO B 53 -8.18 7.22 17.09
N SER B 54 -7.97 6.57 15.95
CA SER B 54 -8.06 5.10 15.89
C SER B 54 -6.77 4.38 16.33
N ILE B 55 -5.70 5.15 16.54
CA ILE B 55 -4.41 4.62 17.03
C ILE B 55 -4.44 4.61 18.57
N SER B 56 -4.05 3.51 19.19
CA SER B 56 -4.02 3.47 20.65
C SER B 56 -2.92 4.35 21.21
N LYS B 57 -3.12 4.78 22.45
CA LYS B 57 -2.17 5.66 23.11
C LYS B 57 -0.80 4.97 23.08
N GLN B 58 -0.84 3.67 23.32
CA GLN B 58 0.31 2.75 23.26
C GLN B 58 -0.11 1.65 22.28
N HIS B 59 0.24 1.80 21.01
CA HIS B 59 -0.29 0.93 20.00
C HIS B 59 0.56 -0.26 19.70
N ALA B 60 1.83 -0.01 19.34
CA ALA B 60 2.78 -1.07 19.00
C ALA B 60 4.19 -0.66 19.39
N GLU B 61 5.14 -1.58 19.23
CA GLU B 61 6.51 -1.31 19.59
C GLU B 61 7.44 -1.89 18.53
N ILE B 62 8.43 -1.10 18.12
CA ILE B 62 9.42 -1.63 17.20
C ILE B 62 10.77 -1.56 17.89
N GLU B 63 11.37 -2.72 18.08
CA GLU B 63 12.63 -2.77 18.79
C GLU B 63 13.75 -3.07 17.81
N ILE B 64 14.79 -2.23 17.89
CA ILE B 64 15.89 -2.31 16.98
C ILE B 64 17.18 -2.58 17.76
N LEU B 65 17.83 -3.68 17.42
CA LEU B 65 19.03 -4.12 18.15
C LEU B 65 20.33 -3.65 17.50
N ALA B 66 20.37 -3.65 16.16
CA ALA B 66 21.57 -3.23 15.40
C ALA B 66 21.09 -2.87 14.00
N TRP B 67 21.86 -2.10 13.23
CA TRP B 67 21.40 -1.75 11.86
C TRP B 67 21.26 -2.97 10.97
N ASP B 68 22.03 -4.01 11.28
CA ASP B 68 22.03 -5.26 10.50
C ASP B 68 21.25 -6.43 11.13
N LYS B 69 20.37 -6.12 12.08
CA LYS B 69 19.47 -7.13 12.64
C LYS B 69 18.04 -6.69 12.35
N ALA B 70 17.16 -7.65 12.04
CA ALA B 70 15.77 -7.31 11.72
C ALA B 70 15.09 -6.69 12.94
N PRO B 71 14.37 -5.58 12.74
CA PRO B 71 13.59 -4.99 13.83
C PRO B 71 12.56 -5.98 14.32
N ILE B 72 12.15 -5.86 15.57
CA ILE B 72 11.14 -6.74 16.11
C ILE B 72 9.88 -5.93 16.36
N LEU B 73 8.80 -6.32 15.71
CA LEU B 73 7.52 -5.61 15.85
C LEU B 73 6.60 -6.37 16.82
N ARG B 74 6.08 -5.64 17.80
CA ARG B 74 5.09 -6.19 18.70
C ARG B 74 3.86 -5.27 18.77
N ASP B 75 2.68 -5.85 18.82
CA ASP B 75 1.45 -5.10 19.18
C ASP B 75 1.33 -4.97 20.70
N CYS B 76 0.92 -3.81 21.17
CA CYS B 76 0.77 -3.59 22.62
C CYS B 76 -0.64 -3.80 23.16
N GLY B 77 -1.42 -4.69 22.54
CA GLY B 77 -2.83 -4.86 22.93
C GLY B 77 -3.70 -3.70 22.44
N SER B 78 -3.44 -3.25 21.21
CA SER B 78 -4.17 -2.11 20.62
C SER B 78 -5.65 -2.39 20.37
N LEU B 79 -6.46 -1.34 20.35
CA LEU B 79 -7.91 -1.52 20.09
C LEU B 79 -8.13 -2.06 18.67
N ASN B 80 -7.60 -1.37 17.66
CA ASN B 80 -7.85 -1.71 16.26
C ASN B 80 -6.77 -2.57 15.60
N GLY B 81 -5.77 -2.93 16.39
CA GLY B 81 -4.81 -3.96 16.01
C GLY B 81 -3.63 -3.49 15.17
N THR B 82 -2.75 -4.46 14.89
CA THR B 82 -1.58 -4.26 14.03
C THR B 82 -1.61 -5.47 13.09
N GLN B 83 -1.41 -5.25 11.81
CA GLN B 83 -1.51 -6.34 10.84
C GLN B 83 -0.32 -6.31 9.91
N ILE B 84 0.16 -7.47 9.50
CA ILE B 84 1.08 -7.50 8.35
C ILE B 84 0.36 -8.11 7.15
N LEU B 85 0.92 -7.91 5.95
CA LEU B 85 0.21 -8.16 4.69
C LEU B 85 0.69 -9.34 3.86
N ARG B 86 2.01 -9.43 3.67
CA ARG B 86 2.58 -10.43 2.77
C ARG B 86 2.55 -11.82 3.41
N PRO B 87 2.85 -11.93 4.72
CA PRO B 87 2.14 -12.97 5.48
C PRO B 87 0.89 -12.40 6.19
N PRO B 88 -0.29 -12.36 5.48
CA PRO B 88 -1.46 -11.62 5.97
C PRO B 88 -1.98 -12.16 7.33
N LYS B 89 -1.92 -11.30 8.35
CA LYS B 89 -2.03 -11.73 9.75
C LYS B 89 -2.34 -10.56 10.68
N VAL B 90 -3.24 -10.77 11.64
CA VAL B 90 -3.38 -9.83 12.75
C VAL B 90 -2.43 -10.29 13.87
N LEU B 91 -1.69 -9.36 14.44
CA LEU B 91 -0.71 -9.69 15.48
C LEU B 91 -1.43 -9.83 16.82
N SER B 92 -1.19 -10.94 17.52
CA SER B 92 -1.71 -11.03 18.87
C SER B 92 -0.71 -10.33 19.77
N PRO B 93 -1.21 -9.57 20.77
CA PRO B 93 -0.35 -8.80 21.66
C PRO B 93 0.83 -9.60 22.20
N GLY B 94 2.02 -9.00 22.10
CA GLY B 94 3.23 -9.57 22.67
C GLY B 94 4.04 -10.50 21.78
N VAL B 95 3.36 -11.20 20.87
CA VAL B 95 4.02 -12.09 19.92
C VAL B 95 4.89 -11.28 18.95
N SER B 96 6.17 -11.60 18.89
CA SER B 96 7.13 -10.78 18.14
C SER B 96 7.07 -11.10 16.63
N HIS B 97 7.24 -10.08 15.81
CA HIS B 97 7.35 -10.30 14.38
C HIS B 97 8.54 -9.59 13.87
N ARG B 98 9.44 -10.32 13.21
CA ARG B 98 10.65 -9.70 12.68
C ARG B 98 10.37 -9.07 11.33
N LEU B 99 10.76 -7.82 11.21
CA LEU B 99 10.41 -7.03 10.03
C LEU B 99 11.50 -7.16 8.98
N ARG B 100 11.10 -7.37 7.73
CA ARG B 100 12.00 -7.27 6.59
C ARG B 100 11.98 -5.87 5.98
N ASP B 101 13.07 -5.50 5.33
CA ASP B 101 13.10 -4.27 4.53
C ASP B 101 11.90 -4.23 3.56
N GLN B 102 11.26 -3.07 3.51
CA GLN B 102 10.12 -2.82 2.62
C GLN B 102 8.82 -3.47 3.06
N GLU B 103 8.83 -4.08 4.24
CA GLU B 103 7.60 -4.73 4.75
C GLU B 103 6.49 -3.74 5.02
N LEU B 104 5.27 -4.09 4.64
CA LEU B 104 4.12 -3.21 4.91
C LEU B 104 3.44 -3.63 6.22
N ILE B 105 3.05 -2.63 7.00
CA ILE B 105 2.40 -2.83 8.27
C ILE B 105 1.15 -1.94 8.30
N LEU B 106 0.06 -2.48 8.85
CA LEU B 106 -1.08 -1.65 9.21
C LEU B 106 -1.15 -1.44 10.70
N PHE B 107 -1.18 -0.18 11.15
CA PHE B 107 -1.62 0.09 12.52
C PHE B 107 -3.02 0.64 12.40
N ALA B 108 -4.00 -0.03 13.01
CA ALA B 108 -5.43 0.29 12.73
C ALA B 108 -5.66 0.29 11.20
N ASP B 109 -6.03 1.44 10.64
CA ASP B 109 -6.24 1.54 9.19
C ASP B 109 -5.15 2.35 8.50
N LEU B 110 -4.03 2.56 9.17
CA LEU B 110 -2.96 3.39 8.66
C LEU B 110 -1.88 2.50 8.06
N LEU B 111 -1.62 2.60 6.76
CA LEU B 111 -0.61 1.75 6.12
C LEU B 111 0.77 2.37 6.31
N CYS B 112 1.75 1.54 6.67
CA CYS B 112 3.12 2.04 6.88
C CYS B 112 4.07 1.10 6.15
N GLN B 113 5.27 1.59 5.82
CA GLN B 113 6.32 0.73 5.27
C GLN B 113 7.61 0.94 6.04
N TYR B 114 8.26 -0.16 6.39
CA TYR B 114 9.50 -0.07 7.12
C TYR B 114 10.65 -0.07 6.08
N HIS B 115 11.66 0.75 6.31
CA HIS B 115 12.88 0.76 5.48
C HIS B 115 14.11 0.62 6.32
N ARG B 116 15.01 -0.30 5.94
CA ARG B 116 16.35 -0.37 6.51
C ARG B 116 17.12 0.90 6.18
N LEU B 117 18.20 1.17 6.92
CA LEU B 117 19.06 2.31 6.58
C LEU B 117 19.54 2.25 5.13
N ASP B 118 19.50 3.40 4.45
CA ASP B 118 20.01 3.51 3.08
C ASP B 118 21.21 4.44 3.00
N GLU C 2 5.78 -15.43 -21.63
CA GLU C 2 6.33 -16.33 -20.57
C GLU C 2 5.29 -16.57 -19.47
N ASP C 3 5.50 -17.61 -18.67
CA ASP C 3 4.62 -17.89 -17.52
C ASP C 3 4.95 -16.96 -16.34
N TPO C 4 3.91 -16.49 -15.66
CA TPO C 4 4.06 -15.60 -14.50
CB TPO C 4 2.67 -15.20 -14.02
CG2 TPO C 4 2.69 -14.17 -12.90
OG1 TPO C 4 1.99 -14.67 -15.15
P TPO C 4 0.57 -15.23 -15.66
O1P TPO C 4 -0.28 -15.41 -14.42
O2P TPO C 4 1.08 -16.56 -16.28
O3P TPO C 4 0.11 -14.29 -16.71
C TPO C 4 4.80 -16.31 -13.40
O TPO C 4 4.46 -17.44 -13.05
N GLN C 5 5.82 -15.66 -12.86
CA GLN C 5 6.59 -16.21 -11.75
C GLN C 5 5.82 -16.15 -10.44
N MSE C 6 6.03 -17.16 -9.61
CA MSE C 6 5.46 -17.19 -8.27
C MSE C 6 6.33 -16.36 -7.39
O MSE C 6 7.54 -16.37 -7.54
CB MSE C 6 5.53 -18.63 -7.79
CG MSE C 6 4.26 -19.35 -8.20
SE MSE C 6 2.84 -18.88 -6.93
CE MSE C 6 3.81 -18.98 -5.22
N ILE C 7 5.73 -15.60 -6.48
CA ILE C 7 6.51 -14.92 -5.45
C ILE C 7 6.75 -15.90 -4.31
N ASP C 8 7.99 -16.00 -3.85
CA ASP C 8 8.31 -16.82 -2.68
C ASP C 8 8.20 -15.97 -1.42
N TRP C 9 7.51 -16.50 -0.42
CA TRP C 9 7.37 -15.84 0.88
C TRP C 9 8.10 -16.58 1.97
N GLU D 2 -6.89 10.30 26.27
CA GLU D 2 -8.16 10.11 25.50
C GLU D 2 -8.42 8.64 25.19
N ASP D 3 -9.65 8.31 24.80
CA ASP D 3 -10.04 6.91 24.50
C ASP D 3 -10.07 6.60 23.02
N TPO D 4 -9.38 5.53 22.66
CA TPO D 4 -9.19 5.15 21.26
CB TPO D 4 -8.25 3.95 21.24
CG2 TPO D 4 -7.73 3.60 19.85
OG1 TPO D 4 -7.16 4.34 22.07
P TPO D 4 -6.69 3.42 23.33
O1P TPO D 4 -6.78 2.03 22.74
O2P TPO D 4 -7.79 3.78 24.33
O3P TPO D 4 -5.39 4.00 23.81
C TPO D 4 -10.52 4.86 20.63
O TPO D 4 -11.37 4.26 21.27
N GLN D 5 -10.69 5.32 19.39
CA GLN D 5 -11.94 5.17 18.64
C GLN D 5 -11.89 3.98 17.69
N MSE D 6 -13.05 3.42 17.33
CA MSE D 6 -13.11 2.31 16.37
C MSE D 6 -12.95 2.79 14.94
O MSE D 6 -13.28 3.93 14.63
CB MSE D 6 -14.47 1.61 16.45
CG MSE D 6 -14.82 1.22 17.89
SE MSE D 6 -13.69 -0.29 18.48
CE MSE D 6 -13.82 -1.45 16.88
N ILE D 7 -12.41 1.92 14.07
CA ILE D 7 -12.19 2.28 12.65
C ILE D 7 -13.50 2.52 11.91
N ASP D 8 -13.52 3.59 11.09
CA ASP D 8 -14.69 3.98 10.32
C ASP D 8 -14.50 3.67 8.82
N TRP D 9 -15.30 2.74 8.29
CA TRP D 9 -15.23 2.36 6.88
C TRP D 9 -16.28 3.05 6.06
#